data_9GIO
#
_entry.id   9GIO
#
_cell.length_a   74.781
_cell.length_b   59.312
_cell.length_c   97.316
_cell.angle_alpha   90
_cell.angle_beta   100.12
_cell.angle_gamma   90
#
_symmetry.space_group_name_H-M   'C 1 2 1'
#
loop_
_entity.id
_entity.type
_entity.pdbx_description
1 polymer Elongin-B
2 polymer 'Isoform 2 of Elongin-C'
3 polymer 'von Hippel-Lindau disease tumor suppressor'
4 non-polymer N-acetyl-3-methyl-L-valyl-(4R)-4-hydroxy-N-[4-(4-methyl-1,3-thiazol-5-yl)benzyl]-L-prolinamide
5 non-polymer N-[2-(dimethylsulfamoyl)-5-[(1-methylpyrazol-4-yl)methoxy]phenyl]propanamide
6 water water
#
loop_
_entity_poly.entity_id
_entity_poly.type
_entity_poly.pdbx_seq_one_letter_code
_entity_poly.pdbx_strand_id
1 'polypeptide(L)'
;GSHMDVFLMIRRHKTTIFTDAKESSTVFELKRIVEGILKRPPDEQRLYKDDQLLDDGKTLGECGFTSQTARPQAPATVGL
AFRADDTFEALCIEPFSSPPELPDVMK
;
A
2 'polypeptide(L)'
;MYVKLISSDGHEFIVKREHALTSGTIKAMLSGPGQFAENETNEVNFREIPSHVLSKVCMYFTYKVRYTNSSTEIPEFPIA
PEIALELLMAANFLDC
;
B
3 'polypeptide(L)'
;MEAGRPRPVLRSVNSREPSQVIFCNRSPRVVLPVWLNFDGEPQPYPTLPPGTGRRIHSYRGHLWLFRDAGTHDGLLVNQT
ELFVPSLNVDGQPIFANITLPVYTLKERCLQVVRSLVKPENYRRLDIVRSLYEDLEDHPNVQKDLERLTQERIAHQRMGD
;
C
#
loop_
_chem_comp.id
_chem_comp.type
_chem_comp.name
_chem_comp.formula
3JF non-polymer N-acetyl-3-methyl-L-valyl-(4R)-4-hydroxy-N-[4-(4-methyl-1,3-thiazol-5-yl)benzyl]-L-prolinamide 'C24 H32 N4 O4 S'
A1IMD non-polymer N-[2-(dimethylsulfamoyl)-5-[(1-methylpyrazol-4-yl)methoxy]phenyl]propanamide 'C16 H22 N4 O4 S'
#
# COMPACT_ATOMS: atom_id res chain seq x y z
N MET A 4 7.93 -7.71 -17.64
CA MET A 4 7.00 -7.12 -16.68
C MET A 4 6.28 -8.18 -15.85
N ASP A 5 6.10 -7.91 -14.57
CA ASP A 5 5.43 -8.85 -13.66
C ASP A 5 3.94 -8.63 -13.59
N VAL A 6 3.21 -9.69 -13.30
CA VAL A 6 1.75 -9.64 -13.15
C VAL A 6 1.50 -10.23 -11.74
N PHE A 7 0.55 -9.68 -10.96
CA PHE A 7 0.33 -10.12 -9.59
C PHE A 7 -1.01 -10.82 -9.50
N LEU A 8 -0.99 -12.05 -9.00
CA LEU A 8 -2.16 -12.91 -9.03
C LEU A 8 -2.65 -13.47 -7.71
N MET A 9 -3.93 -13.91 -7.69
CA MET A 9 -4.49 -14.78 -6.68
C MET A 9 -4.99 -16.02 -7.44
N ILE A 10 -4.42 -17.17 -7.13
CA ILE A 10 -4.81 -18.44 -7.78
C ILE A 10 -5.77 -19.04 -6.77
N ARG A 11 -7.02 -19.23 -7.16
CA ARG A 11 -8.06 -19.57 -6.22
C ARG A 11 -8.87 -20.79 -6.54
N ARG A 12 -9.04 -21.63 -5.52
CA ARG A 12 -9.84 -22.87 -5.63
C ARG A 12 -10.49 -23.11 -4.26
N HIS A 13 -11.83 -23.28 -4.20
CA HIS A 13 -12.58 -23.56 -2.95
C HIS A 13 -12.24 -22.48 -1.91
N LYS A 14 -11.59 -22.81 -0.78
CA LYS A 14 -11.16 -21.78 0.19
C LYS A 14 -9.64 -21.62 0.20
N THR A 15 -8.95 -21.98 -0.89
CA THR A 15 -7.50 -21.82 -0.99
C THR A 15 -7.20 -20.65 -1.93
N THR A 16 -6.27 -19.76 -1.53
CA THR A 16 -5.91 -18.64 -2.39
C THR A 16 -4.42 -18.53 -2.33
N ILE A 17 -3.73 -18.67 -3.49
CA ILE A 17 -2.29 -18.49 -3.53
C ILE A 17 -1.97 -17.11 -4.05
N PHE A 18 -1.13 -16.34 -3.33
CA PHE A 18 -0.69 -15.05 -3.81
C PHE A 18 0.66 -15.26 -4.47
N THR A 19 0.77 -14.94 -5.75
CA THR A 19 2.08 -15.06 -6.42
C THR A 19 2.18 -14.10 -7.60
N ASP A 20 3.39 -13.92 -8.13
CA ASP A 20 3.57 -13.11 -9.32
C ASP A 20 4.18 -14.00 -10.41
N ALA A 21 4.04 -13.56 -11.64
CA ALA A 21 4.62 -14.27 -12.77
C ALA A 21 4.91 -13.25 -13.87
N LYS A 22 5.81 -13.58 -14.81
CA LYS A 22 6.06 -12.66 -15.91
C LYS A 22 4.85 -12.69 -16.83
N GLU A 23 4.52 -11.55 -17.44
CA GLU A 23 3.42 -11.46 -18.40
C GLU A 23 3.67 -12.41 -19.64
N SER A 24 4.93 -12.66 -19.96
CA SER A 24 5.33 -13.55 -21.06
C SER A 24 5.37 -15.03 -20.68
N SER A 25 5.25 -15.36 -19.37
CA SER A 25 5.28 -16.75 -18.93
C SER A 25 3.95 -17.40 -19.34
N THR A 26 3.87 -18.74 -19.34
CA THR A 26 2.69 -19.41 -19.86
C THR A 26 1.76 -19.95 -18.80
N VAL A 27 0.53 -20.32 -19.22
CA VAL A 27 -0.46 -21.01 -18.38
C VAL A 27 0.15 -22.31 -17.83
N PHE A 28 0.86 -23.09 -18.69
CA PHE A 28 1.48 -24.33 -18.25
C PHE A 28 2.56 -24.07 -17.18
N GLU A 29 3.40 -23.05 -17.36
CA GLU A 29 4.41 -22.68 -16.36
C GLU A 29 3.72 -22.25 -15.02
N LEU A 30 2.50 -21.67 -15.10
CA LEU A 30 1.78 -21.31 -13.86
C LEU A 30 1.21 -22.56 -13.17
N LYS A 31 0.84 -23.59 -13.96
CA LYS A 31 0.44 -24.88 -13.41
C LYS A 31 1.64 -25.53 -12.72
N ARG A 32 2.88 -25.34 -13.25
CA ARG A 32 4.08 -25.87 -12.59
C ARG A 32 4.33 -25.14 -11.25
N ILE A 33 3.96 -23.84 -11.15
CA ILE A 33 4.06 -23.11 -9.85
C ILE A 33 3.06 -23.70 -8.87
N VAL A 34 1.81 -23.90 -9.33
CA VAL A 34 0.77 -24.51 -8.51
C VAL A 34 1.21 -25.89 -8.01
N GLU A 35 1.81 -26.71 -8.91
CA GLU A 35 2.30 -28.03 -8.52
C GLU A 35 3.29 -27.99 -7.37
N GLY A 36 4.23 -27.07 -7.44
CA GLY A 36 5.24 -26.91 -6.39
C GLY A 36 4.63 -26.56 -5.04
N ILE A 37 3.50 -25.85 -5.07
CA ILE A 37 2.83 -25.48 -3.84
C ILE A 37 1.81 -26.51 -3.33
N LEU A 38 0.89 -26.94 -4.17
CA LEU A 38 -0.26 -27.78 -3.81
C LEU A 38 -0.09 -29.28 -4.09
N LYS A 39 1.06 -29.67 -4.67
CA LYS A 39 1.43 -31.06 -5.00
C LYS A 39 0.42 -31.77 -5.89
N ARG A 40 -0.03 -31.12 -6.94
CA ARG A 40 -0.90 -31.74 -7.92
C ARG A 40 -0.28 -31.38 -9.26
N PRO A 41 -0.01 -32.39 -10.12
CA PRO A 41 0.65 -32.10 -11.40
C PRO A 41 -0.21 -31.31 -12.36
N PRO A 42 0.39 -30.66 -13.36
CA PRO A 42 -0.39 -29.88 -14.31
C PRO A 42 -1.55 -30.61 -14.98
N ASP A 43 -1.37 -31.91 -15.36
CA ASP A 43 -2.49 -32.61 -16.01
C ASP A 43 -3.71 -32.77 -15.10
N GLU A 44 -3.52 -32.62 -13.76
CA GLU A 44 -4.65 -32.66 -12.84
C GLU A 44 -5.20 -31.24 -12.51
N GLN A 45 -4.84 -30.23 -13.30
CA GLN A 45 -5.29 -28.86 -13.10
C GLN A 45 -5.94 -28.27 -14.31
N ARG A 46 -6.96 -27.42 -14.09
CA ARG A 46 -7.59 -26.56 -15.07
C ARG A 46 -7.47 -25.13 -14.50
N LEU A 47 -6.98 -24.18 -15.30
CA LEU A 47 -6.88 -22.78 -14.86
C LEU A 47 -7.85 -21.93 -15.68
N TYR A 48 -8.41 -20.88 -15.06
CA TYR A 48 -9.44 -20.05 -15.68
C TYR A 48 -9.19 -18.56 -15.42
N LYS A 49 -9.76 -17.68 -16.30
CA LYS A 49 -9.89 -16.24 -16.09
C LYS A 49 -11.41 -16.09 -16.22
N ASP A 50 -12.10 -15.83 -15.11
CA ASP A 50 -13.56 -15.84 -15.01
C ASP A 50 -14.01 -17.31 -15.32
N ASP A 51 -14.99 -17.55 -16.24
CA ASP A 51 -15.35 -18.94 -16.56
C ASP A 51 -14.60 -19.44 -17.81
N GLN A 52 -13.63 -18.65 -18.34
CA GLN A 52 -12.87 -19.03 -19.52
C GLN A 52 -11.72 -19.98 -19.17
N LEU A 53 -11.76 -21.21 -19.70
CA LEU A 53 -10.70 -22.20 -19.57
C LEU A 53 -9.46 -21.67 -20.30
N LEU A 54 -8.28 -21.73 -19.65
CA LEU A 54 -7.08 -21.17 -20.26
C LEU A 54 -6.25 -22.24 -20.87
N ASP A 55 -5.73 -21.95 -22.06
CA ASP A 55 -4.91 -22.85 -22.85
C ASP A 55 -3.48 -22.86 -22.37
N ASP A 56 -2.93 -24.07 -22.13
CA ASP A 56 -1.58 -24.30 -21.66
C ASP A 56 -0.52 -23.52 -22.38
N GLY A 57 -0.63 -23.43 -23.70
CA GLY A 57 0.39 -22.76 -24.53
C GLY A 57 0.33 -21.25 -24.58
N LYS A 58 -0.76 -20.61 -24.10
CA LYS A 58 -0.83 -19.14 -24.14
C LYS A 58 -0.02 -18.52 -23.02
N THR A 59 0.52 -17.32 -23.26
CA THR A 59 1.20 -16.58 -22.19
C THR A 59 0.10 -15.96 -21.29
N LEU A 60 0.46 -15.53 -20.08
CA LEU A 60 -0.51 -14.87 -19.19
C LEU A 60 -1.05 -13.58 -19.82
N GLY A 61 -0.17 -12.85 -20.51
CA GLY A 61 -0.57 -11.67 -21.26
C GLY A 61 -1.63 -11.95 -22.29
N GLU A 62 -1.47 -13.04 -23.06
CA GLU A 62 -2.44 -13.51 -24.06
C GLU A 62 -3.77 -13.95 -23.46
N CYS A 63 -3.80 -14.19 -22.14
CA CYS A 63 -5.00 -14.55 -21.38
C CYS A 63 -5.68 -13.32 -20.75
N GLY A 64 -5.01 -12.17 -20.71
CA GLY A 64 -5.59 -10.97 -20.11
C GLY A 64 -4.94 -10.51 -18.81
N PHE A 65 -3.88 -11.20 -18.37
CA PHE A 65 -3.17 -10.79 -17.16
C PHE A 65 -1.99 -9.91 -17.59
N THR A 66 -2.09 -8.59 -17.38
CA THR A 66 -1.03 -7.65 -17.74
C THR A 66 -0.61 -6.80 -16.53
N SER A 67 0.53 -6.11 -16.61
CA SER A 67 1.00 -5.20 -15.57
C SER A 67 -0.05 -4.19 -15.13
N GLN A 68 -0.89 -3.70 -16.06
CA GLN A 68 -1.91 -2.71 -15.70
C GLN A 68 -3.09 -3.26 -14.92
N THR A 69 -3.52 -4.47 -15.25
CA THR A 69 -4.72 -5.09 -14.70
C THR A 69 -4.46 -6.09 -13.54
N ALA A 70 -3.20 -6.42 -13.27
CA ALA A 70 -2.90 -7.40 -12.23
C ALA A 70 -1.82 -6.79 -11.40
N ARG A 71 -2.23 -5.93 -10.47
CA ARG A 71 -1.39 -5.08 -9.64
C ARG A 71 -1.10 -5.63 -8.24
N PRO A 72 0.05 -5.31 -7.62
CA PRO A 72 0.31 -5.87 -6.27
C PRO A 72 -0.81 -5.63 -5.27
N GLN A 73 -1.35 -4.39 -5.26
CA GLN A 73 -2.43 -4.03 -4.34
C GLN A 73 -3.82 -4.42 -4.82
N ALA A 74 -3.94 -4.93 -6.05
CA ALA A 74 -5.25 -5.36 -6.57
C ALA A 74 -4.97 -6.50 -7.54
N PRO A 75 -4.54 -7.67 -7.03
CA PRO A 75 -4.16 -8.77 -7.93
C PRO A 75 -5.33 -9.34 -8.72
N ALA A 76 -5.03 -9.89 -9.92
CA ALA A 76 -6.10 -10.51 -10.72
C ALA A 76 -6.28 -11.97 -10.25
N THR A 77 -7.49 -12.51 -10.39
CA THR A 77 -7.79 -13.86 -9.98
C THR A 77 -7.69 -14.87 -11.13
N VAL A 78 -7.02 -16.01 -10.86
CA VAL A 78 -6.94 -17.13 -11.79
C VAL A 78 -7.71 -18.21 -11.05
N GLY A 79 -8.74 -18.74 -11.65
CA GLY A 79 -9.50 -19.84 -11.04
C GLY A 79 -8.78 -21.17 -11.25
N LEU A 80 -8.93 -22.10 -10.31
CA LEU A 80 -8.25 -23.39 -10.38
C LEU A 80 -9.21 -24.52 -9.99
N ALA A 81 -9.23 -25.57 -10.82
CA ALA A 81 -10.06 -26.75 -10.53
C ALA A 81 -9.15 -27.98 -10.69
N PHE A 82 -9.31 -28.96 -9.79
CA PHE A 82 -8.54 -30.21 -9.75
C PHE A 82 -9.32 -31.38 -10.36
N ARG A 83 -8.61 -32.40 -10.79
CA ARG A 83 -9.22 -33.58 -11.37
C ARG A 83 -9.38 -34.61 -10.28
N THR A 87 -12.22 -37.39 -13.71
CA THR A 87 -13.10 -36.30 -14.13
C THR A 87 -12.80 -34.99 -13.34
N PHE A 88 -12.66 -33.86 -14.05
CA PHE A 88 -12.43 -32.59 -13.36
C PHE A 88 -13.64 -32.17 -12.56
N GLU A 89 -13.42 -31.58 -11.37
CA GLU A 89 -14.50 -30.97 -10.61
C GLU A 89 -14.90 -29.66 -11.34
N ALA A 90 -16.10 -29.15 -11.02
CA ALA A 90 -16.52 -27.86 -11.57
C ALA A 90 -15.66 -26.78 -10.87
N LEU A 91 -15.38 -25.66 -11.55
CA LEU A 91 -14.64 -24.53 -10.96
C LEU A 91 -15.50 -24.00 -9.82
N CYS A 92 -14.93 -23.89 -8.62
CA CYS A 92 -15.71 -23.43 -7.47
C CYS A 92 -14.81 -22.60 -6.57
N ILE A 93 -15.07 -21.29 -6.50
CA ILE A 93 -14.29 -20.39 -5.65
C ILE A 93 -15.25 -19.86 -4.58
N GLU A 94 -14.94 -20.11 -3.30
CA GLU A 94 -15.79 -19.57 -2.21
C GLU A 94 -15.49 -18.10 -2.01
N PRO A 95 -16.52 -17.22 -1.94
CA PRO A 95 -16.21 -15.80 -1.74
C PRO A 95 -15.59 -15.55 -0.37
N PHE A 96 -14.88 -14.43 -0.25
CA PHE A 96 -14.36 -14.01 1.04
C PHE A 96 -15.58 -13.58 1.91
N SER A 97 -15.40 -13.51 3.23
CA SER A 97 -16.51 -13.17 4.15
C SER A 97 -17.08 -11.77 3.82
N SER A 98 -18.33 -11.52 4.26
CA SER A 98 -18.99 -10.23 4.05
C SER A 98 -18.66 -9.28 5.19
N PRO A 99 -18.19 -8.06 4.85
CA PRO A 99 -17.90 -7.09 5.92
C PRO A 99 -19.21 -6.76 6.67
N PRO A 100 -19.14 -6.37 7.94
CA PRO A 100 -20.37 -5.99 8.64
C PRO A 100 -20.91 -4.68 8.07
N GLU A 101 -22.14 -4.30 8.51
CA GLU A 101 -22.73 -3.03 8.08
C GLU A 101 -21.85 -1.87 8.55
N LEU A 102 -21.66 -0.88 7.70
CA LEU A 102 -20.83 0.28 8.02
C LEU A 102 -21.30 0.95 9.34
N PRO A 103 -20.41 1.16 10.34
CA PRO A 103 -20.86 1.78 11.59
C PRO A 103 -21.54 3.12 11.35
N ASP A 104 -22.52 3.46 12.19
CA ASP A 104 -23.27 4.72 12.10
C ASP A 104 -22.35 5.93 12.02
N VAL A 105 -21.28 5.97 12.84
CA VAL A 105 -20.37 7.11 12.86
C VAL A 105 -19.49 7.23 11.62
N MET A 106 -19.57 6.28 10.66
CA MET A 106 -18.83 6.37 9.41
C MET A 106 -19.74 6.80 8.24
N LYS A 107 -21.05 7.00 8.46
CA LYS A 107 -21.99 7.32 7.39
C LYS A 107 -22.16 8.82 7.14
N MET B 1 10.33 -20.29 -0.22
CA MET B 1 9.40 -20.97 0.67
C MET B 1 8.03 -20.20 0.68
N TYR B 2 6.93 -20.90 0.82
CA TYR B 2 5.61 -20.30 0.99
C TYR B 2 5.12 -20.63 2.41
N VAL B 3 4.19 -19.82 2.94
CA VAL B 3 3.60 -20.08 4.25
C VAL B 3 2.07 -20.01 4.12
N LYS B 4 1.33 -20.68 5.01
CA LYS B 4 -0.13 -20.63 4.95
C LYS B 4 -0.66 -19.82 6.13
N LEU B 5 -1.54 -18.88 5.85
CA LEU B 5 -2.17 -17.99 6.86
C LEU B 5 -3.63 -18.31 6.77
N ILE B 6 -4.22 -18.78 7.88
CA ILE B 6 -5.63 -19.20 7.85
C ILE B 6 -6.52 -18.19 8.55
N SER B 7 -7.60 -17.80 7.90
CA SER B 7 -8.54 -16.83 8.49
C SER B 7 -9.51 -17.49 9.51
N SER B 8 -10.25 -16.67 10.28
CA SER B 8 -11.21 -17.19 11.25
C SER B 8 -12.32 -18.03 10.59
N ASP B 9 -12.69 -17.68 9.35
CA ASP B 9 -13.74 -18.36 8.58
C ASP B 9 -13.18 -19.46 7.66
N GLY B 10 -11.94 -19.91 7.89
CA GLY B 10 -11.35 -21.05 7.21
C GLY B 10 -10.75 -20.90 5.83
N HIS B 11 -10.52 -19.65 5.36
CA HIS B 11 -9.84 -19.50 4.06
C HIS B 11 -8.36 -19.66 4.35
N GLU B 12 -7.64 -20.35 3.46
CA GLU B 12 -6.21 -20.53 3.62
CA GLU B 12 -6.22 -20.56 3.59
C GLU B 12 -5.50 -19.67 2.57
N PHE B 13 -4.64 -18.76 3.03
CA PHE B 13 -3.92 -17.86 2.12
C PHE B 13 -2.50 -18.34 2.05
N ILE B 14 -2.02 -18.64 0.85
CA ILE B 14 -0.66 -19.16 0.70
C ILE B 14 0.21 -18.09 0.10
N VAL B 15 1.17 -17.60 0.86
CA VAL B 15 1.97 -16.47 0.40
C VAL B 15 3.44 -16.75 0.55
N LYS B 16 4.30 -16.02 -0.19
CA LYS B 16 5.74 -16.20 -0.09
C LYS B 16 6.17 -15.89 1.33
N ARG B 17 7.04 -16.72 1.90
CA ARG B 17 7.47 -16.53 3.29
C ARG B 17 8.08 -15.15 3.50
N GLU B 18 8.90 -14.70 2.56
CA GLU B 18 9.55 -13.39 2.68
C GLU B 18 8.50 -12.27 2.71
N HIS B 19 7.38 -12.43 2.00
CA HIS B 19 6.33 -11.41 2.04
C HIS B 19 5.59 -11.42 3.39
N ALA B 20 5.31 -12.62 3.96
CA ALA B 20 4.66 -12.71 5.28
C ALA B 20 5.56 -12.11 6.39
N LEU B 21 6.89 -12.10 6.18
CA LEU B 21 7.83 -11.50 7.15
C LEU B 21 7.73 -9.97 7.23
N THR B 22 6.92 -9.33 6.34
CA THR B 22 6.58 -7.88 6.42
C THR B 22 5.89 -7.65 7.78
N SER B 23 5.10 -8.62 8.27
CA SER B 23 4.49 -8.52 9.58
C SER B 23 5.49 -8.92 10.65
N GLY B 24 5.76 -8.02 11.60
CA GLY B 24 6.64 -8.36 12.71
C GLY B 24 6.11 -9.51 13.57
N THR B 25 4.78 -9.58 13.71
CA THR B 25 4.13 -10.65 14.48
C THR B 25 4.30 -11.99 13.78
N ILE B 26 4.00 -12.04 12.46
CA ILE B 26 4.18 -13.28 11.70
C ILE B 26 5.65 -13.69 11.70
N LYS B 27 6.59 -12.73 11.52
CA LYS B 27 8.05 -12.98 11.54
C LYS B 27 8.43 -13.65 12.85
N ALA B 28 7.93 -13.12 13.98
CA ALA B 28 8.22 -13.71 15.27
C ALA B 28 7.61 -15.10 15.40
N MET B 29 6.38 -15.30 14.92
CA MET B 29 5.72 -16.59 14.97
C MET B 29 6.51 -17.64 14.13
N LEU B 30 7.15 -17.21 13.03
CA LEU B 30 7.88 -18.13 12.16
C LEU B 30 9.36 -18.33 12.54
N SER B 31 9.87 -17.54 13.51
CA SER B 31 11.26 -17.61 13.97
C SER B 31 11.57 -18.82 14.90
N GLY B 32 10.56 -19.60 15.28
CA GLY B 32 10.74 -20.77 16.13
N ASN B 42 5.00 -24.03 9.34
CA ASN B 42 4.72 -23.27 8.10
C ASN B 42 3.29 -22.73 8.01
N GLU B 43 2.52 -22.82 9.09
CA GLU B 43 1.12 -22.42 9.05
C GLU B 43 0.71 -21.66 10.31
N VAL B 44 -0.06 -20.60 10.12
CA VAL B 44 -0.52 -19.79 11.25
C VAL B 44 -2.04 -19.63 11.12
N ASN B 45 -2.79 -19.78 12.23
CA ASN B 45 -4.26 -19.64 12.26
C ASN B 45 -4.64 -18.35 12.97
N PHE B 46 -5.39 -17.48 12.32
CA PHE B 46 -5.82 -16.22 12.94
C PHE B 46 -7.30 -16.35 13.29
N ARG B 47 -7.56 -16.72 14.54
CA ARG B 47 -8.92 -16.97 15.01
C ARG B 47 -9.83 -15.76 15.03
N GLU B 48 -9.31 -14.54 14.95
CA GLU B 48 -10.14 -13.33 14.97
C GLU B 48 -10.00 -12.47 13.72
N ILE B 49 -9.32 -12.96 12.65
CA ILE B 49 -9.21 -12.17 11.43
C ILE B 49 -9.96 -12.88 10.32
N PRO B 50 -11.06 -12.28 9.83
CA PRO B 50 -11.84 -12.93 8.77
C PRO B 50 -11.23 -12.75 7.38
N SER B 51 -11.66 -13.57 6.41
CA SER B 51 -11.06 -13.56 5.09
C SER B 51 -11.16 -12.23 4.32
N HIS B 52 -12.24 -11.45 4.49
CA HIS B 52 -12.31 -10.13 3.81
C HIS B 52 -11.22 -9.18 4.34
N VAL B 53 -10.61 -9.51 5.49
CA VAL B 53 -9.53 -8.68 6.05
C VAL B 53 -8.19 -9.34 5.73
N LEU B 54 -8.05 -10.65 6.05
CA LEU B 54 -6.79 -11.30 5.80
C LEU B 54 -6.36 -11.27 4.33
N SER B 55 -7.31 -11.35 3.38
CA SER B 55 -6.97 -11.27 1.95
C SER B 55 -6.33 -9.88 1.63
N LYS B 56 -6.85 -8.80 2.24
CA LYS B 56 -6.32 -7.46 2.07
C LYS B 56 -4.94 -7.31 2.70
N VAL B 57 -4.71 -7.94 3.88
CA VAL B 57 -3.40 -7.95 4.52
C VAL B 57 -2.38 -8.57 3.56
N CYS B 58 -2.74 -9.71 2.93
CA CYS B 58 -1.82 -10.36 1.97
C CYS B 58 -1.51 -9.43 0.79
N MET B 59 -2.53 -8.72 0.30
CA MET B 59 -2.30 -7.74 -0.80
C MET B 59 -1.33 -6.64 -0.34
N TYR B 60 -1.44 -6.21 0.92
CA TYR B 60 -0.53 -5.22 1.47
C TYR B 60 0.89 -5.75 1.46
N PHE B 61 1.12 -7.03 1.85
CA PHE B 61 2.48 -7.60 1.82
C PHE B 61 3.07 -7.49 0.43
N THR B 62 2.27 -7.82 -0.60
CA THR B 62 2.73 -7.77 -1.99
C THR B 62 3.15 -6.36 -2.39
N TYR B 63 2.30 -5.42 -2.01
CA TYR B 63 2.46 -3.99 -2.27
C TYR B 63 3.70 -3.45 -1.55
N LYS B 64 3.87 -3.77 -0.27
CA LYS B 64 5.00 -3.29 0.51
C LYS B 64 6.32 -3.80 -0.11
N VAL B 65 6.40 -5.12 -0.42
CA VAL B 65 7.63 -5.66 -1.00
C VAL B 65 7.92 -5.08 -2.41
N ARG B 66 6.91 -4.88 -3.22
CA ARG B 66 7.10 -4.36 -4.57
C ARG B 66 7.54 -2.92 -4.58
N TYR B 67 6.93 -2.08 -3.72
CA TYR B 67 7.15 -0.65 -3.79
C TYR B 67 8.17 -0.09 -2.80
N THR B 68 8.53 -0.82 -1.75
CA THR B 68 9.52 -0.30 -0.78
C THR B 68 10.87 -0.19 -1.47
N ASN B 69 11.50 0.99 -1.38
CA ASN B 69 12.79 1.29 -2.01
C ASN B 69 12.71 1.17 -3.54
N SER B 70 11.53 1.42 -4.12
CA SER B 70 11.35 1.39 -5.57
C SER B 70 11.35 2.83 -6.09
N SER B 71 11.69 3.00 -7.37
CA SER B 71 11.70 4.33 -7.95
C SER B 71 10.42 4.62 -8.75
N THR B 72 9.80 3.58 -9.33
CA THR B 72 8.54 3.73 -10.08
C THR B 72 7.44 4.31 -9.17
N GLU B 73 6.56 5.14 -9.74
CA GLU B 73 5.51 5.83 -8.98
C GLU B 73 4.70 4.93 -8.05
N ILE B 74 4.56 5.37 -6.80
CA ILE B 74 3.82 4.61 -5.80
C ILE B 74 2.33 4.95 -5.85
N PRO B 75 1.50 3.91 -6.07
CA PRO B 75 0.05 4.11 -6.09
C PRO B 75 -0.52 4.01 -4.65
N GLU B 76 -1.74 4.49 -4.42
CA GLU B 76 -2.35 4.40 -3.08
C GLU B 76 -2.66 2.92 -2.81
N PHE B 77 -2.63 2.54 -1.55
CA PHE B 77 -3.07 1.22 -1.14
C PHE B 77 -4.55 1.42 -0.82
N PRO B 78 -5.44 0.76 -1.59
CA PRO B 78 -6.88 1.01 -1.43
C PRO B 78 -7.52 0.25 -0.30
N ILE B 79 -8.38 0.92 0.49
CA ILE B 79 -9.09 0.29 1.59
C ILE B 79 -10.57 0.75 1.55
N ALA B 80 -11.49 -0.17 1.36
CA ALA B 80 -12.92 0.18 1.31
C ALA B 80 -13.32 0.60 2.73
N PRO B 81 -14.21 1.59 2.85
CA PRO B 81 -14.66 2.02 4.20
C PRO B 81 -15.22 0.87 5.06
N GLU B 82 -15.95 -0.06 4.45
CA GLU B 82 -16.58 -1.18 5.14
C GLU B 82 -15.59 -2.15 5.83
N ILE B 83 -14.32 -2.18 5.41
CA ILE B 83 -13.34 -3.08 6.04
C ILE B 83 -12.33 -2.33 6.88
N ALA B 84 -12.30 -0.98 6.83
CA ALA B 84 -11.23 -0.22 7.45
C ALA B 84 -11.06 -0.47 8.93
N LEU B 85 -12.13 -0.54 9.71
CA LEU B 85 -12.00 -0.73 11.17
C LEU B 85 -11.34 -2.09 11.51
N GLU B 86 -11.87 -3.17 10.94
CA GLU B 86 -11.29 -4.51 11.14
C GLU B 86 -9.89 -4.63 10.58
N LEU B 87 -9.62 -3.98 9.43
CA LEU B 87 -8.26 -4.02 8.85
C LEU B 87 -7.31 -3.26 9.77
N LEU B 88 -7.77 -2.16 10.41
CA LEU B 88 -6.94 -1.43 11.39
C LEU B 88 -6.62 -2.36 12.56
N MET B 89 -7.61 -3.10 13.09
CA MET B 89 -7.35 -4.01 14.21
C MET B 89 -6.33 -5.08 13.81
N ALA B 90 -6.48 -5.65 12.63
CA ALA B 90 -5.53 -6.68 12.15
C ALA B 90 -4.13 -6.10 11.99
N ALA B 91 -4.00 -4.91 11.35
CA ALA B 91 -2.69 -4.31 11.13
C ALA B 91 -2.01 -3.99 12.46
N ASN B 92 -2.80 -3.54 13.44
CA ASN B 92 -2.24 -3.26 14.77
C ASN B 92 -1.69 -4.54 15.40
N PHE B 93 -2.46 -5.66 15.36
CA PHE B 93 -2.01 -6.93 15.94
C PHE B 93 -0.78 -7.45 15.19
N LEU B 94 -0.82 -7.37 13.86
CA LEU B 94 0.27 -7.90 13.02
C LEU B 94 1.54 -7.07 12.97
N ASP B 95 1.45 -5.82 13.42
CA ASP B 95 2.57 -4.86 13.38
C ASP B 95 3.06 -4.69 11.95
N CYS B 96 2.17 -4.22 11.06
CA CYS B 96 2.61 -3.97 9.69
C CYS B 96 1.97 -2.72 9.09
N PRO C 8 16.20 28.35 15.04
CA PRO C 8 15.98 26.92 14.86
C PRO C 8 16.96 26.27 13.89
N VAL C 9 17.14 24.96 14.01
CA VAL C 9 18.03 24.22 13.11
C VAL C 9 17.38 24.17 11.71
N LEU C 10 16.07 23.91 11.65
CA LEU C 10 15.38 23.79 10.37
C LEU C 10 14.71 25.11 10.02
N ARG C 11 15.30 25.84 9.06
CA ARG C 11 14.77 27.14 8.63
C ARG C 11 15.32 27.48 7.26
N SER C 12 14.59 28.32 6.49
CA SER C 12 15.16 28.73 5.20
C SER C 12 16.29 29.74 5.54
N VAL C 13 17.33 29.80 4.71
CA VAL C 13 18.34 30.86 4.86
C VAL C 13 17.86 32.02 3.94
N ASN C 14 17.99 33.28 4.40
CA ASN C 14 17.59 34.43 3.57
C ASN C 14 18.67 34.74 2.54
N SER C 15 18.82 33.89 1.50
CA SER C 15 19.90 34.06 0.52
C SER C 15 19.64 35.09 -0.54
N ARG C 16 18.35 35.31 -0.87
CA ARG C 16 17.96 36.23 -1.92
C ARG C 16 18.56 35.82 -3.27
N GLU C 17 18.91 34.52 -3.45
CA GLU C 17 19.46 34.01 -4.69
C GLU C 17 18.34 33.22 -5.37
N PRO C 18 17.74 33.77 -6.43
CA PRO C 18 16.59 33.09 -7.07
C PRO C 18 16.88 31.68 -7.57
N SER C 19 15.88 30.80 -7.45
CA SER C 19 15.96 29.42 -7.93
C SER C 19 14.59 29.05 -8.41
N GLN C 20 14.45 28.72 -9.71
CA GLN C 20 13.13 28.36 -10.23
C GLN C 20 12.97 26.84 -10.04
N VAL C 21 11.81 26.42 -9.61
CA VAL C 21 11.55 25.01 -9.28
C VAL C 21 10.26 24.53 -9.94
N ILE C 22 10.20 23.23 -10.32
CA ILE C 22 8.95 22.66 -10.80
C ILE C 22 8.49 21.75 -9.69
N PHE C 23 7.33 22.03 -9.08
CA PHE C 23 6.74 21.15 -8.06
C PHE C 23 5.93 20.21 -8.94
N CYS C 24 6.17 18.89 -8.83
CA CYS C 24 5.49 17.93 -9.69
C CYS C 24 4.81 16.91 -8.78
N ASN C 25 3.51 16.99 -8.70
CA ASN C 25 2.72 16.12 -7.83
C ASN C 25 2.54 14.77 -8.48
N ARG C 26 3.44 13.82 -8.17
CA ARG C 26 3.33 12.44 -8.67
C ARG C 26 2.65 11.58 -7.59
N SER C 27 1.59 12.11 -6.96
CA SER C 27 0.83 11.40 -5.92
C SER C 27 -0.65 11.50 -6.27
N PRO C 28 -1.52 10.66 -5.69
CA PRO C 28 -2.97 10.83 -5.90
C PRO C 28 -3.62 11.79 -4.89
N ARG C 29 -2.80 12.47 -4.08
CA ARG C 29 -3.33 13.43 -3.10
C ARG C 29 -3.28 14.87 -3.62
N VAL C 30 -4.10 15.73 -3.04
CA VAL C 30 -4.06 17.18 -3.26
C VAL C 30 -2.88 17.60 -2.35
N VAL C 31 -1.86 18.20 -2.94
CA VAL C 31 -0.63 18.52 -2.18
C VAL C 31 -0.59 19.94 -1.67
N LEU C 32 -0.28 20.11 -0.38
CA LEU C 32 -0.01 21.39 0.23
C LEU C 32 1.52 21.56 0.32
N PRO C 33 2.09 22.52 -0.44
CA PRO C 33 3.52 22.83 -0.26
C PRO C 33 3.63 23.69 1.02
N VAL C 34 4.65 23.43 1.86
CA VAL C 34 4.85 24.15 3.11
C VAL C 34 6.27 24.71 3.10
N TRP C 35 6.39 26.04 3.23
CA TRP C 35 7.69 26.69 3.24
C TRP C 35 8.08 27.05 4.68
N LEU C 36 9.30 26.70 5.08
CA LEU C 36 9.77 27.10 6.40
C LEU C 36 10.38 28.48 6.28
N ASN C 37 9.83 29.44 7.01
CA ASN C 37 10.32 30.84 6.89
C ASN C 37 11.71 30.99 7.54
N PHE C 38 12.22 32.24 7.63
CA PHE C 38 13.59 32.44 8.13
C PHE C 38 13.72 32.17 9.66
N ASP C 39 12.60 32.03 10.37
CA ASP C 39 12.57 31.67 11.79
C ASP C 39 12.07 30.21 11.96
N GLY C 40 12.01 29.44 10.86
CA GLY C 40 11.58 28.04 10.89
C GLY C 40 10.09 27.83 11.01
N GLU C 41 9.28 28.90 10.92
CA GLU C 41 7.84 28.73 11.04
C GLU C 41 7.27 28.30 9.69
N PRO C 42 6.44 27.24 9.67
CA PRO C 42 5.90 26.75 8.39
C PRO C 42 4.77 27.64 7.86
N GLN C 43 4.77 27.87 6.55
CA GLN C 43 3.82 28.73 5.86
C GLN C 43 3.19 27.98 4.72
N PRO C 44 1.87 27.96 4.69
CA PRO C 44 1.17 27.23 3.60
C PRO C 44 1.16 28.00 2.27
N TYR C 45 1.34 27.25 1.19
CA TYR C 45 1.34 27.79 -0.16
C TYR C 45 0.18 27.15 -0.99
N PRO C 46 -0.14 27.70 -2.18
CA PRO C 46 -1.29 27.16 -2.96
C PRO C 46 -1.17 25.66 -3.25
N THR C 47 -2.30 24.93 -3.26
CA THR C 47 -2.25 23.48 -3.41
C THR C 47 -2.11 23.03 -4.85
N LEU C 48 -1.62 21.79 -5.03
CA LEU C 48 -1.48 21.17 -6.34
C LEU C 48 -2.44 19.97 -6.43
N PRO C 49 -3.26 19.93 -7.49
CA PRO C 49 -4.10 18.73 -7.70
C PRO C 49 -3.19 17.55 -8.06
N PRO C 50 -3.70 16.31 -7.90
CA PRO C 50 -2.91 15.14 -8.30
C PRO C 50 -2.47 15.19 -9.77
N GLY C 51 -1.26 14.79 -10.04
CA GLY C 51 -0.74 14.70 -11.40
C GLY C 51 -0.47 16.02 -12.10
N THR C 52 -0.36 17.13 -11.32
CA THR C 52 -0.10 18.44 -11.90
C THR C 52 1.34 18.89 -11.65
N GLY C 53 1.77 19.90 -12.40
CA GLY C 53 3.11 20.48 -12.28
C GLY C 53 2.98 21.99 -12.22
N ARG C 54 3.79 22.64 -11.38
CA ARG C 54 3.73 24.10 -11.24
C ARG C 54 5.16 24.61 -11.27
N ARG C 55 5.44 25.63 -12.11
CA ARG C 55 6.75 26.25 -12.12
C ARG C 55 6.66 27.42 -11.13
N ILE C 56 7.49 27.43 -10.09
CA ILE C 56 7.41 28.43 -9.02
C ILE C 56 8.77 29.09 -8.76
N HIS C 57 8.74 30.30 -8.18
CA HIS C 57 9.93 31.05 -7.88
C HIS C 57 10.25 30.85 -6.41
N SER C 58 11.38 30.22 -6.15
CA SER C 58 11.90 30.07 -4.81
C SER C 58 13.33 30.61 -4.75
N TYR C 59 14.11 30.21 -3.71
CA TYR C 59 15.44 30.76 -3.52
C TYR C 59 16.36 29.67 -3.02
N ARG C 60 17.65 29.83 -3.26
CA ARG C 60 18.65 28.89 -2.80
C ARG C 60 18.68 28.83 -1.26
N GLY C 61 18.75 27.61 -0.71
CA GLY C 61 18.84 27.47 0.74
C GLY C 61 17.50 27.58 1.44
N HIS C 62 16.39 27.69 0.67
CA HIS C 62 15.05 27.68 1.28
C HIS C 62 14.64 26.23 1.57
N LEU C 63 13.78 26.02 2.57
CA LEU C 63 13.35 24.68 2.97
C LEU C 63 11.85 24.50 2.74
N TRP C 64 11.49 23.38 2.13
CA TRP C 64 10.12 23.02 1.85
C TRP C 64 9.79 21.61 2.29
N LEU C 65 8.56 21.39 2.68
CA LEU C 65 8.02 20.07 2.91
C LEU C 65 6.64 20.02 2.28
N PHE C 66 6.07 18.80 2.10
CA PHE C 66 4.83 18.66 1.35
C PHE C 66 3.92 17.71 2.05
N ARG C 67 2.67 18.09 2.15
CA ARG C 67 1.70 17.26 2.89
C ARG C 67 0.47 17.07 2.06
N ASP C 68 -0.41 16.14 2.48
CA ASP C 68 -1.75 16.05 1.92
C ASP C 68 -2.49 17.31 2.45
N ALA C 69 -3.06 18.14 1.54
CA ALA C 69 -3.69 19.40 1.96
C ALA C 69 -4.86 19.25 2.93
N GLY C 70 -5.62 18.15 2.79
CA GLY C 70 -6.80 17.92 3.62
C GLY C 70 -6.56 17.24 4.95
N THR C 71 -5.60 16.31 4.99
CA THR C 71 -5.34 15.49 6.20
C THR C 71 -3.99 15.74 6.88
N HIS C 72 -3.09 16.45 6.22
CA HIS C 72 -1.74 16.70 6.69
C HIS C 72 -0.88 15.46 6.75
N ASP C 73 -1.27 14.36 6.04
CA ASP C 73 -0.40 13.20 5.89
C ASP C 73 0.94 13.61 5.28
N GLY C 74 2.02 13.06 5.78
CA GLY C 74 3.33 13.37 5.25
C GLY C 74 3.55 12.79 3.86
N LEU C 75 4.25 13.53 3.00
CA LEU C 75 4.56 13.06 1.65
C LEU C 75 6.07 13.19 1.45
N LEU C 76 6.60 12.51 0.42
CA LEU C 76 8.01 12.58 0.12
C LEU C 76 8.27 13.56 -1.02
N VAL C 77 9.43 14.14 -1.03
CA VAL C 77 9.86 15.02 -2.10
C VAL C 77 11.26 14.59 -2.50
N ASN C 78 11.44 14.14 -3.75
CA ASN C 78 12.72 13.57 -4.19
C ASN C 78 13.20 12.44 -3.24
N GLN C 79 12.23 11.64 -2.75
CA GLN C 79 12.48 10.49 -1.87
C GLN C 79 12.90 10.82 -0.43
N THR C 80 12.84 12.08 -0.02
CA THR C 80 13.19 12.45 1.35
C THR C 80 12.11 13.42 1.92
N GLU C 81 12.30 13.86 3.16
CA GLU C 81 11.31 14.67 3.85
C GLU C 81 11.36 16.15 3.42
N LEU C 82 12.57 16.71 3.29
CA LEU C 82 12.77 18.13 3.01
C LEU C 82 13.32 18.39 1.62
N PHE C 83 12.94 19.54 1.03
CA PHE C 83 13.44 19.96 -0.27
C PHE C 83 14.11 21.32 -0.12
N VAL C 84 15.33 21.43 -0.60
CA VAL C 84 16.12 22.67 -0.58
C VAL C 84 16.56 23.04 -2.01
N PRO C 85 16.02 24.14 -2.59
CA PRO C 85 16.46 24.52 -3.94
C PRO C 85 17.94 24.90 -3.99
N SER C 86 18.56 24.63 -5.12
CA SER C 86 19.96 25.03 -5.38
C SER C 86 19.96 25.98 -6.61
N LEU C 87 21.14 26.56 -6.98
CA LEU C 87 21.19 27.43 -8.15
C LEU C 87 20.82 26.65 -9.43
N ASN C 88 20.09 27.29 -10.36
CA ASN C 88 19.70 26.66 -11.62
C ASN C 88 20.92 26.59 -12.54
N VAL C 89 21.11 25.47 -13.21
CA VAL C 89 22.24 25.32 -14.12
C VAL C 89 21.78 25.41 -15.55
N ASP C 90 22.31 26.41 -16.30
CA ASP C 90 21.98 26.68 -17.69
C ASP C 90 20.47 26.93 -17.84
N GLY C 91 19.93 27.75 -16.96
CA GLY C 91 18.51 28.09 -16.95
C GLY C 91 17.54 26.96 -16.69
N GLN C 92 18.04 25.74 -16.37
CA GLN C 92 17.16 24.60 -16.11
C GLN C 92 16.48 24.70 -14.74
N PRO C 93 15.15 24.49 -14.66
CA PRO C 93 14.51 24.48 -13.34
C PRO C 93 14.92 23.23 -12.55
N ILE C 94 14.76 23.29 -11.22
CA ILE C 94 15.05 22.19 -10.30
C ILE C 94 13.74 21.43 -10.08
N PHE C 95 13.75 20.08 -10.10
CA PHE C 95 12.49 19.34 -9.90
C PHE C 95 12.28 18.94 -8.47
N ALA C 96 11.07 19.16 -7.96
CA ALA C 96 10.65 18.66 -6.64
C ALA C 96 9.55 17.65 -6.96
N ASN C 97 9.94 16.37 -7.03
CA ASN C 97 8.98 15.32 -7.37
C ASN C 97 8.31 14.84 -6.11
N ILE C 98 7.04 15.14 -5.94
CA ILE C 98 6.30 14.79 -4.72
C ILE C 98 5.61 13.44 -4.91
N THR C 99 5.82 12.53 -3.98
CA THR C 99 5.26 11.18 -4.08
C THR C 99 4.68 10.68 -2.77
N LEU C 100 3.87 9.63 -2.87
CA LEU C 100 3.35 8.99 -1.67
C LEU C 100 4.47 8.16 -1.11
N PRO C 101 4.62 8.15 0.21
CA PRO C 101 5.47 7.13 0.84
C PRO C 101 4.75 5.75 0.79
N VAL C 102 5.47 4.66 1.07
CA VAL C 102 4.82 3.36 1.28
C VAL C 102 4.47 3.44 2.77
N TYR C 103 3.23 3.81 3.08
CA TYR C 103 2.81 3.89 4.48
C TYR C 103 2.72 2.47 5.03
N THR C 104 2.83 2.35 6.38
CA THR C 104 2.53 1.08 7.02
C THR C 104 1.03 0.80 6.80
N LEU C 105 0.62 -0.47 6.84
CA LEU C 105 -0.80 -0.78 6.71
C LEU C 105 -1.59 -0.12 7.88
N LYS C 106 -1.00 -0.14 9.09
CA LYS C 106 -1.66 0.49 10.25
C LYS C 106 -1.88 2.00 10.00
N GLU C 107 -0.86 2.70 9.49
CA GLU C 107 -1.02 4.16 9.22
C GLU C 107 -2.02 4.40 8.13
N ARG C 108 -1.99 3.58 7.06
CA ARG C 108 -3.00 3.68 6.02
C ARG C 108 -4.42 3.47 6.53
N CYS C 109 -4.64 2.50 7.43
CA CYS C 109 -5.96 2.26 8.03
C CYS C 109 -6.35 3.43 8.89
N LEU C 110 -5.41 3.98 9.67
CA LEU C 110 -5.73 5.15 10.53
C LEU C 110 -6.13 6.32 9.63
N GLN C 111 -5.46 6.51 8.48
CA GLN C 111 -5.86 7.57 7.52
C GLN C 111 -7.30 7.39 7.08
N VAL C 112 -7.66 6.17 6.67
CA VAL C 112 -9.02 5.91 6.21
C VAL C 112 -10.06 6.14 7.29
N VAL C 113 -9.86 5.58 8.50
CA VAL C 113 -10.83 5.75 9.58
C VAL C 113 -10.98 7.24 9.97
N ARG C 114 -9.86 7.97 10.08
CA ARG C 114 -9.92 9.42 10.37
C ARG C 114 -10.73 10.15 9.27
N SER C 115 -10.60 9.72 8.01
CA SER C 115 -11.33 10.35 6.91
C SER C 115 -12.86 10.13 6.97
N LEU C 116 -13.33 9.11 7.69
CA LEU C 116 -14.76 8.77 7.74
C LEU C 116 -15.46 9.14 9.05
N VAL C 117 -14.69 9.35 10.12
CA VAL C 117 -15.24 9.57 11.45
C VAL C 117 -14.79 10.90 12.04
N LYS C 118 -15.76 11.69 12.53
CA LYS C 118 -15.42 12.96 13.20
C LYS C 118 -14.66 12.63 14.49
N PRO C 119 -13.61 13.38 14.86
CA PRO C 119 -12.89 13.10 16.11
C PRO C 119 -13.77 12.98 17.34
N GLU C 120 -14.86 13.77 17.43
CA GLU C 120 -15.78 13.66 18.57
C GLU C 120 -16.51 12.31 18.63
N ASN C 121 -16.54 11.56 17.51
CA ASN C 121 -17.16 10.25 17.43
C ASN C 121 -16.14 9.13 17.47
N TYR C 122 -14.80 9.42 17.61
CA TYR C 122 -13.82 8.32 17.77
C TYR C 122 -14.23 7.42 18.97
N ARG C 123 -14.84 8.04 20.01
CA ARG C 123 -15.28 7.43 21.26
C ARG C 123 -16.30 6.34 21.04
N ARG C 124 -17.13 6.46 20.01
CA ARG C 124 -18.16 5.47 19.73
C ARG C 124 -17.64 4.24 18.97
N LEU C 125 -16.35 4.25 18.52
CA LEU C 125 -15.77 3.11 17.79
C LEU C 125 -15.47 1.96 18.76
N ASP C 126 -15.81 0.73 18.37
CA ASP C 126 -15.58 -0.43 19.22
C ASP C 126 -14.15 -0.94 19.07
N ILE C 127 -13.19 -0.16 19.56
CA ILE C 127 -11.78 -0.50 19.45
C ILE C 127 -11.09 -0.31 20.83
N VAL C 128 -9.93 -0.96 21.02
CA VAL C 128 -9.19 -0.76 22.29
C VAL C 128 -8.69 0.66 22.43
N ARG C 129 -8.49 1.10 23.67
CA ARG C 129 -8.04 2.43 24.01
C ARG C 129 -6.76 2.83 23.29
N SER C 130 -5.79 1.89 23.14
CA SER C 130 -4.54 2.28 22.43
C SER C 130 -4.83 2.70 20.98
N LEU C 131 -5.84 2.09 20.32
CA LEU C 131 -6.15 2.49 18.93
C LEU C 131 -6.85 3.85 18.87
N TYR C 132 -7.59 4.18 19.93
CA TYR C 132 -8.23 5.48 20.07
C TYR C 132 -7.12 6.56 20.14
N GLU C 133 -6.07 6.30 20.95
CA GLU C 133 -4.91 7.16 21.10
C GLU C 133 -4.21 7.30 19.74
N ASP C 134 -4.02 6.18 19.03
CA ASP C 134 -3.39 6.23 17.71
C ASP C 134 -4.23 7.06 16.72
N LEU C 135 -5.57 6.93 16.72
CA LEU C 135 -6.42 7.72 15.83
C LEU C 135 -6.30 9.21 16.12
N GLU C 136 -6.31 9.54 17.41
CA GLU C 136 -6.23 10.93 17.87
C GLU C 136 -4.92 11.60 17.56
N ASP C 137 -3.86 10.85 17.40
CA ASP C 137 -2.54 11.42 17.12
C ASP C 137 -2.39 11.72 15.64
N HIS C 138 -3.07 12.75 15.22
CA HIS C 138 -3.07 13.16 13.82
C HIS C 138 -1.70 13.54 13.32
N PRO C 139 -1.41 13.36 12.02
CA PRO C 139 -0.14 13.88 11.46
C PRO C 139 -0.08 15.39 11.66
N ASN C 140 1.11 15.91 11.93
CA ASN C 140 1.22 17.32 12.28
C ASN C 140 2.55 17.83 11.83
N VAL C 141 2.58 19.01 11.16
CA VAL C 141 3.87 19.54 10.71
C VAL C 141 4.77 19.92 11.91
N GLN C 142 4.21 20.54 12.97
CA GLN C 142 5.04 20.93 14.12
C GLN C 142 5.76 19.73 14.75
N LYS C 143 5.03 18.61 14.93
CA LYS C 143 5.57 17.37 15.45
C LYS C 143 6.68 16.85 14.54
N ASP C 144 6.46 16.85 13.21
CA ASP C 144 7.49 16.39 12.28
C ASP C 144 8.72 17.25 12.31
N LEU C 145 8.56 18.57 12.40
CA LEU C 145 9.72 19.48 12.44
C LEU C 145 10.55 19.20 13.69
N GLU C 146 9.89 18.88 14.84
CA GLU C 146 10.57 18.53 16.08
C GLU C 146 11.37 17.26 15.88
N ARG C 147 10.76 16.22 15.29
CA ARG C 147 11.45 14.95 14.98
C ARG C 147 12.65 15.17 14.02
N LEU C 148 12.43 15.81 12.85
CA LEU C 148 13.50 16.11 11.90
C LEU C 148 14.62 16.91 12.57
N THR C 149 14.28 17.78 13.52
CA THR C 149 15.29 18.57 14.25
C THR C 149 16.22 17.63 15.05
N GLN C 150 15.64 16.61 15.72
CA GLN C 150 16.40 15.62 16.49
C GLN C 150 17.24 14.75 15.53
N GLU C 151 16.63 14.29 14.42
CA GLU C 151 17.30 13.48 13.41
C GLU C 151 18.50 14.21 12.80
N ARG C 152 18.41 15.54 12.67
CA ARG C 152 19.50 16.34 12.12
C ARG C 152 20.65 16.45 13.11
N ILE C 153 20.34 16.69 14.40
CA ILE C 153 21.34 16.81 15.46
C ILE C 153 22.00 15.46 15.83
CAA 3JF D . 13.43 36.86 -1.25
CAV 3JF D . 12.54 35.89 -0.53
OAF 3JF D . 13.00 35.04 0.23
NAT 3JF D . 11.21 36.03 -0.74
CBE 3JF D . 10.21 35.13 -0.21
CBG 3JF D . 9.17 35.89 0.67
CAD 3JF D . 9.88 36.44 1.90
CAE 3JF D . 8.55 37.04 -0.13
CAC 3JF D . 8.03 34.98 1.14
CAX 3JF D . 9.61 34.36 -1.40
OAH 3JF D . 9.31 34.98 -2.42
N 3JF D . 9.43 33.03 -1.31
CD2 3JF D . 9.73 32.13 -0.19
CG 3JF D . 9.78 30.75 -0.86
OD1 3JF D . 11.08 30.51 -1.45
CB 3JF D . 8.72 30.85 -1.95
CA 3JF D . 8.87 32.30 -2.46
C 3JF D . 7.54 32.82 -2.96
O 3JF D . 6.73 33.29 -2.18
NAS 3JF D . 7.33 32.73 -4.27
CAO 3JF D . 6.04 33.00 -4.88
CAY 3JF D . 5.21 31.75 -5.08
CAK 3JF D . 5.78 30.49 -4.94
CAM 3JF D . 5.03 29.35 -5.14
CAJ 3JF D . 3.87 31.84 -5.42
CAL 3JF D . 3.11 30.69 -5.61
CBA 3JF D . 3.68 29.43 -5.47
CBB 3JF D . 2.88 28.20 -5.68
SAU 3JF D . 3.18 26.76 -4.70
CAN 3JF D . 1.93 25.95 -5.58
NAR 3JF D . 1.34 26.65 -6.51
CAZ 3JF D . 1.87 27.93 -6.57
CAB 3JF D . 1.31 28.87 -7.60
C1 A1IMD E . 6.12 11.87 -15.82
C2 A1IMD E . 7.75 14.41 -16.63
C3 A1IMD E . 8.79 13.75 -17.28
C7 A1IMD E . 13.94 14.70 -14.98
C8 A1IMD E . 15.15 14.83 -15.67
C9 A1IMD E . 16.25 16.24 -12.66
C10 A1IMD E . 14.21 15.24 -13.73
C11 A1IMD E . 9.33 15.43 -15.13
C12 A1IMD E . 8.01 15.28 -15.56
C13 A1IMD E . 7.06 17.10 -14.12
C14 A1IMD E . 5.76 17.62 -13.61
C15 A1IMD E . 4.94 16.89 -12.86
O3 A1IMD E . 8.16 17.58 -13.76
N3 A1IMD E . 6.97 16.03 -14.96
S A1IMD E . 6.11 14.09 -17.24
O A1IMD E . 5.39 15.32 -17.20
O1 A1IMD E . 6.22 13.36 -18.46
N A1IMD E . 5.39 13.09 -16.18
C A1IMD E . 3.93 12.94 -16.31
C5 A1IMD E . 10.36 14.75 -15.77
C4 A1IMD E . 10.09 13.90 -16.83
O2 A1IMD E . 11.61 15.03 -15.26
C6 A1IMD E . 12.67 14.10 -15.48
N2 A1IMD E . 15.49 15.63 -13.75
N1 A1IMD E . 16.09 15.40 -14.94
#